data_3UBY
#
_entry.id   3UBY
#
_cell.length_a   41.168
_cell.length_b   41.168
_cell.length_c   262.546
_cell.angle_alpha   90.00
_cell.angle_beta   90.00
_cell.angle_gamma   90.00
#
_symmetry.space_group_name_H-M   'P 43'
#
loop_
_entity.id
_entity.type
_entity.pdbx_description
1 polymer 'DNA-3-methyladenine glycosylase'
2 polymer "DNA (5'-D(*GP*AP*CP*AP*TP*GP*(EDC)P*TP*TP*GP*CP*CP*T)-3')"
3 water water
#
loop_
_entity_poly.entity_id
_entity_poly.type
_entity_poly.pdbx_seq_one_letter_code
_entity_poly.pdbx_strand_id
1 'polypeptide(L)'
;GPHMTRLGLEFFDQPAVPLARAFLGQVLVRRLPNGTELRGRIVETEAYLGPEDEAAHSRGGRQTPRNRGMFMKPGTLYVY
IIYGMYFCMNISSQGDGACVLLRALEPLEGLETMRQLRSTLRKGTASRVLKDRELCSGPSKLCQALAINKSFDQRDLAQD
EAVWLERGPLEPSEPAVVAAARVGVGHAGEWARKPLRFYVRGSPWVSVVDRVAEQDTQA
;
A,B
2 'polydeoxyribonucleotide' (DG)(DA)(DC)(DA)(DT)(DG)(EDC)(DT)(DT)(DG)(DC)(DC)(DT) C,D
#
loop_
_chem_comp.id
_chem_comp.type
_chem_comp.name
_chem_comp.formula
DA DNA linking 2'-DEOXYADENOSINE-5'-MONOPHOSPHATE 'C10 H14 N5 O6 P'
DC DNA linking 2'-DEOXYCYTIDINE-5'-MONOPHOSPHATE 'C9 H14 N3 O7 P'
DG DNA linking 2'-DEOXYGUANOSINE-5'-MONOPHOSPHATE 'C10 H14 N5 O7 P'
DT DNA linking THYMIDINE-5'-MONOPHOSPHATE 'C10 H15 N2 O8 P'
EDC DNA linking N3,N4-ETHENO-2'-DEOXYCYTIDINE-5'-MONOPHOSPHATE 'C11 H14 N3 O7 P'
#
# COMPACT_ATOMS: atom_id res chain seq x y z
N GLY A 1 17.63 13.56 2.54
CA GLY A 1 16.23 13.06 2.47
C GLY A 1 16.11 11.78 1.67
N PRO A 2 14.90 11.19 1.63
CA PRO A 2 14.68 9.97 0.87
C PRO A 2 14.63 10.23 -0.63
N HIS A 3 14.88 9.17 -1.41
CA HIS A 3 14.74 9.25 -2.86
C HIS A 3 13.25 9.39 -3.15
N MET A 4 12.89 10.47 -3.85
CA MET A 4 11.48 10.75 -4.14
C MET A 4 11.20 10.78 -5.62
N THR A 5 10.20 10.00 -6.04
CA THR A 5 9.77 9.99 -7.43
C THR A 5 8.25 10.16 -7.49
N ARG A 6 7.78 10.85 -8.52
CA ARG A 6 6.35 11.10 -8.63
C ARG A 6 5.62 9.91 -9.26
N LEU A 7 4.38 9.73 -8.83
CA LEU A 7 3.50 8.75 -9.44
C LEU A 7 3.07 9.29 -10.80
N GLY A 8 3.17 8.43 -11.82
CA GLY A 8 2.94 8.85 -13.20
C GLY A 8 1.85 8.06 -13.91
N LEU A 9 1.89 8.09 -15.24
CA LEU A 9 0.85 7.50 -16.09
C LEU A 9 0.44 6.10 -15.67
N GLU A 10 1.43 5.26 -15.37
CA GLU A 10 1.19 3.89 -14.93
C GLU A 10 0.24 3.80 -13.72
N PHE A 11 0.35 4.74 -12.80
CA PHE A 11 -0.49 4.74 -11.61
C PHE A 11 -1.91 5.18 -11.98
N PHE A 12 -2.02 6.19 -12.83
CA PHE A 12 -3.31 6.77 -13.15
C PHE A 12 -4.12 5.91 -14.10
N ASP A 13 -3.42 5.11 -14.92
CA ASP A 13 -4.05 4.29 -15.95
C ASP A 13 -4.59 2.97 -15.42
N GLN A 14 -5.58 3.07 -14.54
CA GLN A 14 -6.38 1.93 -14.09
C GLN A 14 -7.84 2.37 -13.96
N PRO A 15 -8.80 1.41 -13.97
CA PRO A 15 -10.21 1.79 -13.84
C PRO A 15 -10.52 2.60 -12.58
N ALA A 16 -11.66 3.27 -12.56
CA ALA A 16 -11.98 4.27 -11.53
C ALA A 16 -12.05 3.76 -10.09
N VAL A 17 -12.68 2.60 -9.89
CA VAL A 17 -12.73 1.99 -8.56
C VAL A 17 -11.30 1.71 -8.03
N PRO A 18 -10.50 0.88 -8.74
CA PRO A 18 -9.14 0.65 -8.23
C PRO A 18 -8.30 1.93 -8.07
N LEU A 19 -8.48 2.92 -8.94
CA LEU A 19 -7.74 4.18 -8.81
C LEU A 19 -8.13 4.96 -7.56
N ALA A 20 -9.44 5.13 -7.35
CA ALA A 20 -9.97 5.77 -6.15
C ALA A 20 -9.45 5.13 -4.86
N ARG A 21 -9.27 3.82 -4.89
CA ARG A 21 -8.75 3.08 -3.75
C ARG A 21 -7.25 3.31 -3.61
N ALA A 22 -6.55 3.29 -4.75
CA ALA A 22 -5.09 3.40 -4.79
C ALA A 22 -4.58 4.76 -4.33
N PHE A 23 -5.37 5.81 -4.56
CA PHE A 23 -5.05 7.18 -4.13
C PHE A 23 -4.89 7.28 -2.61
N LEU A 24 -5.67 6.50 -1.88
CA LEU A 24 -5.66 6.57 -0.41
C LEU A 24 -4.26 6.32 0.13
N GLY A 25 -3.75 7.27 0.90
CA GLY A 25 -2.41 7.14 1.49
C GLY A 25 -1.35 7.82 0.66
N GLN A 26 -1.66 8.16 -0.60
CA GLN A 26 -0.71 8.88 -1.45
C GLN A 26 -0.70 10.36 -1.07
N VAL A 27 0.42 11.03 -1.33
CA VAL A 27 0.59 12.41 -0.88
C VAL A 27 0.53 13.38 -2.05
N LEU A 28 -0.45 14.25 -2.00
CA LEU A 28 -0.63 15.27 -3.01
C LEU A 28 0.24 16.47 -2.65
N VAL A 29 1.05 16.92 -3.60
CA VAL A 29 2.01 18.01 -3.37
C VAL A 29 1.71 19.21 -4.27
N ARG A 30 1.68 20.41 -3.68
CA ARG A 30 1.56 21.65 -4.44
C ARG A 30 2.75 22.54 -4.21
N ARG A 31 3.29 23.10 -5.29
CA ARG A 31 4.36 24.09 -5.18
C ARG A 31 3.86 25.43 -5.68
N LEU A 32 3.78 26.38 -4.76
CA LEU A 32 3.32 27.73 -5.06
C LEU A 32 4.40 28.52 -5.83
N PRO A 33 4.01 29.60 -6.52
CA PRO A 33 4.96 30.42 -7.28
C PRO A 33 6.07 31.02 -6.41
N ASN A 34 5.79 31.17 -5.12
CA ASN A 34 6.77 31.70 -4.18
C ASN A 34 7.73 30.63 -3.66
N GLY A 35 7.52 29.37 -4.08
CA GLY A 35 8.40 28.26 -3.68
C GLY A 35 7.92 27.39 -2.53
N THR A 36 6.90 27.84 -1.79
CA THR A 36 6.32 27.07 -0.70
C THR A 36 5.71 25.74 -1.16
N GLU A 37 6.12 24.64 -0.54
CA GLU A 37 5.52 23.33 -0.83
C GLU A 37 4.46 22.93 0.18
N LEU A 38 3.28 22.61 -0.35
CA LEU A 38 2.15 22.15 0.46
C LEU A 38 1.95 20.67 0.21
N ARG A 39 1.82 19.89 1.28
CA ARG A 39 1.59 18.45 1.15
C ARG A 39 0.38 18.03 1.96
N GLY A 40 -0.42 17.16 1.35
CA GLY A 40 -1.56 16.57 2.04
C GLY A 40 -1.72 15.13 1.60
N ARG A 41 -1.85 14.24 2.58
CA ARG A 41 -2.07 12.82 2.33
C ARG A 41 -3.56 12.55 2.09
N ILE A 42 -3.86 11.91 0.96
CA ILE A 42 -5.25 11.64 0.57
C ILE A 42 -5.89 10.60 1.51
N VAL A 43 -7.04 10.94 2.08
CA VAL A 43 -7.76 10.03 2.98
C VAL A 43 -9.20 9.72 2.55
N GLU A 44 -9.66 10.36 1.47
CA GLU A 44 -11.04 10.17 1.02
C GLU A 44 -11.16 10.52 -0.47
N THR A 45 -11.81 9.62 -1.22
CA THR A 45 -11.96 9.72 -2.68
C THR A 45 -13.33 9.19 -3.11
N GLU A 46 -13.72 9.51 -4.35
CA GLU A 46 -14.95 8.95 -4.95
C GLU A 46 -14.73 8.55 -6.39
N ALA A 47 -15.30 7.42 -6.80
CA ALA A 47 -15.25 7.04 -8.20
C ALA A 47 -16.50 7.53 -8.93
N TYR A 48 -16.30 8.07 -10.12
CA TYR A 48 -17.38 8.37 -11.08
C TYR A 48 -17.16 7.51 -12.32
N LEU A 49 -18.13 6.65 -12.61
CA LEU A 49 -17.85 5.45 -13.40
C LEU A 49 -17.86 5.63 -14.92
N GLY A 50 -18.55 6.66 -15.40
CA GLY A 50 -18.70 6.89 -16.83
C GLY A 50 -20.16 6.94 -17.23
N PRO A 51 -20.45 6.77 -18.53
CA PRO A 51 -21.78 6.93 -19.12
C PRO A 51 -22.95 6.31 -18.33
N GLU A 52 -22.72 5.14 -17.76
CA GLU A 52 -23.74 4.42 -16.99
C GLU A 52 -24.04 5.08 -15.63
N ASP A 53 -23.08 5.84 -15.12
CA ASP A 53 -23.17 6.47 -13.80
C ASP A 53 -24.08 7.71 -13.81
N GLU A 54 -25.30 7.56 -13.29
CA GLU A 54 -26.27 8.66 -13.29
C GLU A 54 -25.80 9.92 -12.55
N ALA A 55 -24.89 9.76 -11.58
CA ALA A 55 -24.35 10.91 -10.85
C ALA A 55 -23.21 11.63 -11.59
N ALA A 56 -22.52 10.93 -12.48
CA ALA A 56 -21.33 11.49 -13.17
C ALA A 56 -21.70 12.54 -14.20
N HIS A 57 -20.85 13.58 -14.30
CA HIS A 57 -20.96 14.60 -15.34
C HIS A 57 -20.96 13.97 -16.72
N SER A 58 -20.39 12.77 -16.82
CA SER A 58 -20.27 12.03 -18.09
C SER A 58 -21.43 11.06 -18.37
N ARG A 59 -22.51 11.19 -17.60
CA ARG A 59 -23.72 10.37 -17.80
C ARG A 59 -24.17 10.33 -19.26
N GLY A 60 -24.45 9.14 -19.76
CA GLY A 60 -24.90 8.93 -21.14
C GLY A 60 -23.87 9.25 -22.21
N GLY A 61 -22.59 9.27 -21.82
CA GLY A 61 -21.50 9.60 -22.75
C GLY A 61 -21.49 11.06 -23.16
N ARG A 62 -22.07 11.91 -22.32
CA ARG A 62 -22.22 13.33 -22.58
C ARG A 62 -20.88 14.05 -22.37
N GLN A 63 -20.34 14.61 -23.46
CA GLN A 63 -19.12 15.39 -23.40
C GLN A 63 -19.44 16.86 -23.65
N THR A 64 -19.11 17.71 -22.68
CA THR A 64 -19.37 19.13 -22.80
C THR A 64 -18.06 19.91 -22.66
N PRO A 65 -18.07 21.22 -22.97
CA PRO A 65 -16.87 22.04 -22.80
C PRO A 65 -16.19 21.88 -21.44
N ARG A 66 -16.97 22.04 -20.36
CA ARG A 66 -16.47 21.91 -19.00
C ARG A 66 -15.78 20.55 -18.72
N ASN A 67 -16.42 19.44 -19.09
CA ASN A 67 -15.96 18.13 -18.62
C ASN A 67 -14.94 17.38 -19.51
N ARG A 68 -14.29 18.12 -20.40
CA ARG A 68 -13.26 17.57 -21.30
C ARG A 68 -12.25 16.67 -20.58
N GLY A 69 -11.80 17.10 -19.41
CA GLY A 69 -10.81 16.36 -18.61
C GLY A 69 -11.14 14.91 -18.36
N MET A 70 -12.43 14.59 -18.21
CA MET A 70 -12.88 13.24 -17.87
C MET A 70 -12.71 12.27 -19.03
N PHE A 71 -12.50 12.82 -20.22
CA PHE A 71 -12.38 12.04 -21.44
C PHE A 71 -10.98 12.14 -22.01
N MET A 72 -10.10 12.79 -21.25
CA MET A 72 -8.68 12.92 -21.62
C MET A 72 -7.83 11.83 -20.97
N LYS A 73 -6.58 11.71 -21.40
CA LYS A 73 -5.70 10.65 -20.92
C LYS A 73 -5.68 10.55 -19.39
N PRO A 74 -5.63 9.31 -18.85
CA PRO A 74 -5.64 9.14 -17.40
C PRO A 74 -4.54 9.95 -16.74
N GLY A 75 -4.87 10.59 -15.64
CA GLY A 75 -3.95 11.48 -14.96
C GLY A 75 -4.26 12.94 -15.23
N THR A 76 -5.07 13.21 -16.26
CA THR A 76 -5.47 14.57 -16.59
C THR A 76 -6.42 15.08 -15.52
N LEU A 77 -6.17 16.30 -15.05
CA LEU A 77 -7.00 16.92 -14.05
C LEU A 77 -8.30 17.41 -14.66
N TYR A 78 -9.39 17.19 -13.94
CA TYR A 78 -10.67 17.80 -14.25
C TYR A 78 -11.07 18.62 -13.05
N VAL A 79 -10.91 19.94 -13.15
CA VAL A 79 -11.26 20.87 -12.08
C VAL A 79 -12.39 21.78 -12.55
N TYR A 80 -13.52 21.76 -11.85
CA TYR A 80 -14.67 22.56 -12.24
C TYR A 80 -15.17 23.42 -11.11
N ILE A 81 -15.94 24.44 -11.46
CA ILE A 81 -16.51 25.35 -10.48
C ILE A 81 -17.94 24.91 -10.13
N ILE A 82 -18.18 24.68 -8.85
CA ILE A 82 -19.48 24.23 -8.35
C ILE A 82 -20.09 25.30 -7.44
N TYR A 83 -21.42 25.42 -7.47
CA TYR A 83 -22.14 26.46 -6.72
C TYR A 83 -21.52 27.86 -6.91
N GLY A 84 -20.94 28.08 -8.08
CA GLY A 84 -20.43 29.39 -8.49
C GLY A 84 -19.05 29.80 -8.01
N MET A 85 -18.65 29.36 -6.81
CA MET A 85 -17.43 29.86 -6.17
C MET A 85 -16.47 28.78 -5.66
N TYR A 86 -16.91 27.52 -5.67
CA TYR A 86 -16.06 26.43 -5.20
C TYR A 86 -15.54 25.56 -6.33
N PHE A 87 -14.40 24.90 -6.06
CA PHE A 87 -13.75 24.01 -7.00
C PHE A 87 -13.84 22.55 -6.57
N CYS A 88 -13.91 21.66 -7.54
CA CYS A 88 -13.76 20.24 -7.29
C CYS A 88 -12.61 19.72 -8.14
N MET A 89 -11.66 19.03 -7.52
CA MET A 89 -10.51 18.49 -8.23
C MET A 89 -10.66 17.00 -8.50
N ASN A 90 -10.79 16.65 -9.78
CA ASN A 90 -10.88 15.26 -10.23
C ASN A 90 -9.68 14.83 -11.05
N ILE A 91 -9.46 13.52 -11.15
CA ILE A 91 -8.40 12.98 -11.97
C ILE A 91 -9.01 11.92 -12.87
N SER A 92 -8.82 12.10 -14.16
CA SER A 92 -9.28 11.15 -15.15
C SER A 92 -8.59 9.82 -14.90
N SER A 93 -9.38 8.75 -14.88
CA SER A 93 -8.86 7.39 -14.77
C SER A 93 -8.94 6.74 -16.14
N GLN A 94 -8.50 5.48 -16.23
CA GLN A 94 -8.81 4.65 -17.38
C GLN A 94 -10.33 4.45 -17.46
N GLY A 95 -10.86 4.46 -18.67
CA GLY A 95 -12.28 4.19 -18.87
C GLY A 95 -13.02 5.40 -19.38
N ASP A 96 -13.86 5.18 -20.38
CA ASP A 96 -14.66 6.23 -21.01
C ASP A 96 -15.37 7.12 -20.00
N GLY A 97 -14.95 8.39 -19.94
CA GLY A 97 -15.57 9.39 -19.07
C GLY A 97 -15.53 9.08 -17.58
N ALA A 98 -14.54 8.29 -17.16
CA ALA A 98 -14.41 7.93 -15.75
C ALA A 98 -13.35 8.79 -15.09
N CYS A 99 -13.56 9.09 -13.81
CA CYS A 99 -12.62 9.87 -13.01
C CYS A 99 -12.75 9.58 -11.51
N VAL A 100 -11.86 10.22 -10.74
CA VAL A 100 -11.82 10.11 -9.27
C VAL A 100 -11.78 11.53 -8.67
N LEU A 101 -12.75 11.82 -7.81
CA LEU A 101 -12.74 13.07 -7.06
C LEU A 101 -11.95 12.89 -5.78
N LEU A 102 -11.07 13.85 -5.48
CA LEU A 102 -10.43 13.90 -4.15
C LEU A 102 -11.35 14.66 -3.23
N ARG A 103 -11.62 14.11 -2.05
CA ARG A 103 -12.57 14.70 -1.11
C ARG A 103 -11.93 15.19 0.18
N ALA A 104 -10.84 14.57 0.62
CA ALA A 104 -10.22 14.96 1.89
C ALA A 104 -8.74 14.63 1.99
N LEU A 105 -7.97 15.56 2.56
CA LEU A 105 -6.55 15.35 2.83
C LEU A 105 -6.21 15.51 4.31
N GLU A 106 -5.32 14.63 4.79
CA GLU A 106 -4.58 14.91 6.00
C GLU A 106 -3.47 15.91 5.64
N PRO A 107 -3.50 17.11 6.22
CA PRO A 107 -2.45 18.07 5.85
C PRO A 107 -1.16 17.71 6.56
N LEU A 108 -0.06 17.75 5.81
CA LEU A 108 1.24 17.34 6.35
C LEU A 108 2.23 18.50 6.43
N GLU A 109 2.14 19.42 5.47
CA GLU A 109 3.12 20.48 5.32
C GLU A 109 2.53 21.77 4.74
N GLY A 110 2.90 22.90 5.33
CA GLY A 110 2.41 24.19 4.90
C GLY A 110 1.03 24.50 5.44
N LEU A 111 0.72 23.99 6.63
CA LEU A 111 -0.60 24.16 7.23
C LEU A 111 -0.95 25.62 7.49
N GLU A 112 0.05 26.41 7.86
CA GLU A 112 -0.16 27.85 8.05
C GLU A 112 -0.49 28.59 6.76
N THR A 113 0.08 28.14 5.65
CA THR A 113 -0.25 28.68 4.33
C THR A 113 -1.66 28.27 3.90
N MET A 114 -1.98 26.99 4.09
CA MET A 114 -3.35 26.49 3.88
C MET A 114 -4.37 27.31 4.68
N ARG A 115 -4.01 27.63 5.92
CA ARG A 115 -4.85 28.43 6.81
C ARG A 115 -5.05 29.84 6.27
N GLN A 116 -3.95 30.48 5.88
CA GLN A 116 -4.00 31.81 5.27
C GLN A 116 -4.86 31.83 4.01
N LEU A 117 -4.63 30.85 3.13
CA LEU A 117 -5.38 30.75 1.87
C LEU A 117 -6.89 30.54 2.05
N ARG A 118 -7.27 29.69 3.01
CA ARG A 118 -8.69 29.41 3.24
C ARG A 118 -9.44 30.50 4.00
N SER A 119 -8.83 31.05 5.04
CA SER A 119 -9.42 32.13 5.82
C SER A 119 -9.70 33.38 4.98
N THR A 120 -8.87 33.59 3.96
CA THR A 120 -9.03 34.70 3.03
C THR A 120 -10.15 34.43 2.03
N LEU A 121 -10.19 33.20 1.50
CA LEU A 121 -11.23 32.79 0.56
C LEU A 121 -12.51 32.39 1.31
N LEU A 130 -10.17 27.86 10.48
CA LEU A 130 -9.20 28.20 11.51
C LEU A 130 -8.56 26.96 12.14
N LYS A 131 -9.34 25.88 12.25
CA LYS A 131 -8.83 24.63 12.82
C LYS A 131 -8.17 23.77 11.73
N ASP A 132 -7.26 22.90 12.15
CA ASP A 132 -6.54 21.99 11.24
C ASP A 132 -7.45 20.99 10.53
N ARG A 133 -8.47 20.52 11.24
CA ARG A 133 -9.43 19.58 10.66
C ARG A 133 -10.39 20.28 9.70
N GLU A 134 -10.35 21.62 9.70
CA GLU A 134 -11.15 22.45 8.81
C GLU A 134 -10.44 22.80 7.51
N LEU A 135 -9.15 22.44 7.42
CA LEU A 135 -8.33 22.87 6.29
C LEU A 135 -8.62 22.16 4.97
N CYS A 136 -8.63 20.82 4.99
CA CYS A 136 -8.76 20.01 3.78
C CYS A 136 -9.83 18.94 3.87
N SER A 137 -10.77 19.10 4.81
CA SER A 137 -11.82 18.10 5.04
C SER A 137 -13.02 18.30 4.11
N GLY A 138 -12.77 18.30 2.81
CA GLY A 138 -13.82 18.53 1.82
C GLY A 138 -13.22 18.80 0.46
N PRO A 139 -13.93 18.40 -0.61
CA PRO A 139 -13.35 18.53 -1.96
C PRO A 139 -13.05 19.99 -2.33
N SER A 140 -13.90 20.90 -1.88
CA SER A 140 -13.70 22.33 -2.14
C SER A 140 -12.82 23.05 -1.12
N LYS A 141 -12.81 22.55 0.12
CA LYS A 141 -11.88 23.02 1.15
C LYS A 141 -10.44 22.74 0.75
N LEU A 142 -10.19 21.51 0.32
CA LEU A 142 -8.84 21.13 -0.08
C LEU A 142 -8.34 21.92 -1.30
N CYS A 143 -9.24 22.26 -2.23
CA CYS A 143 -8.86 23.09 -3.38
C CYS A 143 -8.38 24.48 -2.96
N GLN A 144 -9.09 25.10 -2.02
CA GLN A 144 -8.71 26.38 -1.43
C GLN A 144 -7.36 26.28 -0.71
N ALA A 145 -7.22 25.29 0.16
CA ALA A 145 -6.01 25.10 0.96
C ALA A 145 -4.74 24.96 0.11
N LEU A 146 -4.88 24.31 -1.04
CA LEU A 146 -3.74 24.03 -1.95
C LEU A 146 -3.66 24.93 -3.19
N ALA A 147 -4.28 26.10 -3.11
CA ALA A 147 -4.38 27.05 -4.24
C ALA A 147 -4.62 26.38 -5.59
N ILE A 148 -5.64 25.52 -5.62
CA ILE A 148 -6.05 24.84 -6.84
C ILE A 148 -7.30 25.53 -7.39
N ASN A 149 -7.23 25.95 -8.65
CA ASN A 149 -8.38 26.56 -9.32
C ASN A 149 -8.55 26.06 -10.75
N LYS A 150 -9.47 26.65 -11.50
CA LYS A 150 -9.73 26.20 -12.87
C LYS A 150 -8.46 26.19 -13.73
N SER A 151 -7.50 27.08 -13.43
CA SER A 151 -6.22 27.11 -14.15
C SER A 151 -5.49 25.75 -14.15
N PHE A 152 -5.87 24.87 -13.23
CA PHE A 152 -5.34 23.51 -13.14
C PHE A 152 -6.12 22.49 -13.96
N ASP A 153 -7.33 22.87 -14.39
CA ASP A 153 -8.15 22.03 -15.27
C ASP A 153 -7.36 21.62 -16.52
N GLN A 154 -7.45 20.35 -16.88
CA GLN A 154 -6.80 19.77 -18.07
C GLN A 154 -5.26 19.75 -18.06
N ARG A 155 -4.65 19.95 -16.89
CA ARG A 155 -3.22 19.70 -16.73
C ARG A 155 -3.00 18.23 -16.36
N ASP A 156 -1.76 17.76 -16.51
CA ASP A 156 -1.44 16.36 -16.30
C ASP A 156 -0.76 16.19 -14.93
N LEU A 157 -1.41 15.45 -14.04
CA LEU A 157 -0.86 15.24 -12.68
C LEU A 157 0.44 14.43 -12.69
N ALA A 158 0.70 13.74 -13.79
CA ALA A 158 1.92 12.94 -13.94
C ALA A 158 3.14 13.76 -14.33
N GLN A 159 2.92 14.96 -14.86
CA GLN A 159 4.03 15.72 -15.47
C GLN A 159 4.17 17.17 -15.02
N ASP A 160 3.08 17.77 -14.56
CA ASP A 160 3.04 19.20 -14.20
C ASP A 160 4.10 19.57 -13.16
N GLU A 161 4.68 20.76 -13.32
CA GLU A 161 5.71 21.23 -12.37
C GLU A 161 5.12 21.78 -11.06
N ALA A 162 3.88 22.27 -11.10
CA ALA A 162 3.27 22.94 -9.94
C ALA A 162 2.49 22.01 -9.00
N VAL A 163 2.06 20.86 -9.50
CA VAL A 163 1.28 19.91 -8.69
C VAL A 163 1.64 18.48 -9.08
N TRP A 164 1.79 17.62 -8.09
CA TRP A 164 2.18 16.25 -8.33
C TRP A 164 1.80 15.31 -7.21
N LEU A 165 1.91 14.01 -7.47
CA LEU A 165 1.57 12.99 -6.50
C LEU A 165 2.83 12.20 -6.17
N GLU A 166 3.05 11.96 -4.88
CA GLU A 166 4.18 11.15 -4.46
C GLU A 166 3.67 9.88 -3.82
N ARG A 167 4.35 8.78 -4.08
CA ARG A 167 4.10 7.55 -3.36
C ARG A 167 4.26 7.87 -1.87
N GLY A 168 3.23 7.53 -1.09
CA GLY A 168 3.22 7.79 0.34
C GLY A 168 3.59 6.56 1.15
N PRO A 169 4.36 6.75 2.24
CA PRO A 169 4.88 5.60 2.97
C PRO A 169 3.79 4.84 3.74
N LEU A 170 2.61 5.47 3.86
CA LEU A 170 1.52 4.94 4.67
C LEU A 170 0.27 4.73 3.83
N GLU A 171 0.08 3.50 3.35
CA GLU A 171 -1.11 3.14 2.58
C GLU A 171 -2.01 2.25 3.42
N PRO A 172 -3.34 2.48 3.39
CA PRO A 172 -4.25 1.61 4.12
C PRO A 172 -4.36 0.22 3.48
N SER A 173 -4.43 -0.82 4.30
CA SER A 173 -4.69 -2.16 3.81
C SER A 173 -6.17 -2.27 3.43
N GLU A 174 -6.50 -3.25 2.59
CA GLU A 174 -7.90 -3.49 2.17
C GLU A 174 -8.92 -3.39 3.33
N PRO A 175 -8.71 -4.14 4.44
CA PRO A 175 -9.69 -4.09 5.54
C PRO A 175 -9.89 -2.71 6.16
N ALA A 176 -8.88 -1.83 6.04
CA ALA A 176 -8.90 -0.46 6.58
C ALA A 176 -9.55 0.56 5.64
N VAL A 177 -9.93 0.10 4.46
CA VAL A 177 -10.62 0.96 3.50
C VAL A 177 -12.13 0.72 3.63
N VAL A 178 -12.85 1.79 3.98
CA VAL A 178 -14.33 1.77 4.01
C VAL A 178 -14.88 2.12 2.63
N ALA A 179 -15.84 1.32 2.17
CA ALA A 179 -16.59 1.66 0.95
C ALA A 179 -17.98 2.11 1.37
N ALA A 180 -18.42 3.25 0.85
CA ALA A 180 -19.67 3.90 1.27
C ALA A 180 -20.34 4.67 0.14
N ALA A 181 -21.61 5.01 0.33
CA ALA A 181 -22.35 5.88 -0.58
C ALA A 181 -21.66 7.23 -0.75
N ARG A 182 -21.74 7.78 -1.95
CA ARG A 182 -21.13 9.07 -2.29
C ARG A 182 -21.88 10.26 -1.68
N VAL A 183 -21.19 11.41 -1.64
CA VAL A 183 -21.72 12.64 -1.05
C VAL A 183 -22.25 13.60 -2.13
N GLY A 184 -23.43 14.16 -1.88
CA GLY A 184 -24.04 15.16 -2.76
C GLY A 184 -24.77 14.52 -3.91
N VAL A 185 -25.32 13.32 -3.65
CA VAL A 185 -25.96 12.47 -4.66
C VAL A 185 -24.92 11.91 -5.64
N ALA A 188 -27.96 9.54 -9.54
CA ALA A 188 -29.03 9.23 -8.60
C ALA A 188 -29.63 7.86 -8.88
N GLY A 189 -30.84 7.62 -8.36
CA GLY A 189 -31.51 6.34 -8.50
C GLY A 189 -30.83 5.26 -7.68
N GLU A 190 -30.26 4.28 -8.39
CA GLU A 190 -29.46 3.24 -7.75
C GLU A 190 -28.02 3.73 -7.53
N TRP A 191 -27.66 4.82 -8.22
CA TRP A 191 -26.30 5.37 -8.16
C TRP A 191 -26.06 6.29 -6.96
N ALA A 192 -27.14 6.70 -6.30
CA ALA A 192 -27.02 7.48 -5.07
C ALA A 192 -26.61 6.59 -3.88
N ARG A 193 -26.86 5.28 -4.01
CA ARG A 193 -26.60 4.32 -2.93
C ARG A 193 -25.35 3.45 -3.14
N LYS A 194 -24.82 3.43 -4.36
CA LYS A 194 -23.67 2.57 -4.69
C LYS A 194 -22.41 2.97 -3.91
N PRO A 195 -21.67 1.95 -3.38
CA PRO A 195 -20.52 2.24 -2.54
C PRO A 195 -19.29 2.64 -3.36
N LEU A 196 -19.29 3.90 -3.82
CA LEU A 196 -18.25 4.41 -4.70
C LEU A 196 -17.47 5.55 -4.05
N ARG A 197 -17.59 5.68 -2.74
CA ARG A 197 -16.79 6.59 -1.95
C ARG A 197 -15.92 5.74 -1.04
N PHE A 198 -14.64 6.07 -0.99
CA PHE A 198 -13.66 5.26 -0.27
C PHE A 198 -12.88 6.18 0.64
N TYR A 199 -12.72 5.77 1.90
CA TYR A 199 -11.91 6.51 2.85
C TYR A 199 -11.24 5.60 3.89
N VAL A 200 -10.19 6.14 4.52
CA VAL A 200 -9.45 5.42 5.57
C VAL A 200 -10.27 5.34 6.86
N ARG A 201 -10.55 4.11 7.29
CA ARG A 201 -11.27 3.84 8.52
C ARG A 201 -10.55 4.47 9.72
N GLY A 202 -11.30 5.28 10.47
CA GLY A 202 -10.79 5.87 11.71
C GLY A 202 -9.98 7.14 11.54
N SER A 203 -9.92 7.65 10.30
CA SER A 203 -9.20 8.89 10.04
C SER A 203 -10.04 10.09 10.44
N PRO A 204 -9.46 11.03 11.22
CA PRO A 204 -10.14 12.24 11.64
C PRO A 204 -10.07 13.39 10.63
N TRP A 205 -9.44 13.13 9.47
CA TRP A 205 -9.32 14.11 8.39
C TRP A 205 -10.39 13.94 7.31
N VAL A 206 -11.09 12.80 7.36
CA VAL A 206 -12.14 12.42 6.40
C VAL A 206 -13.34 13.37 6.51
N SER A 207 -13.94 13.72 5.38
CA SER A 207 -15.03 14.72 5.36
C SER A 207 -16.36 14.24 5.97
N VAL A 208 -16.76 12.99 5.69
CA VAL A 208 -18.01 12.42 6.22
C VAL A 208 -17.87 10.95 6.61
N VAL A 209 -18.10 10.65 7.88
CA VAL A 209 -18.09 9.26 8.37
C VAL A 209 -19.43 8.54 8.09
N ASP A 210 -19.34 7.30 7.64
CA ASP A 210 -20.53 6.47 7.38
C ASP A 210 -20.50 5.22 8.24
N ARG A 211 -21.33 5.22 9.28
CA ARG A 211 -21.29 4.19 10.32
C ARG A 211 -21.87 2.84 9.91
N VAL A 212 -22.95 2.86 9.13
CA VAL A 212 -23.57 1.63 8.62
C VAL A 212 -22.60 0.87 7.71
N ALA A 213 -21.90 1.61 6.87
CA ALA A 213 -20.88 1.05 5.98
C ALA A 213 -19.68 0.52 6.75
N GLU A 214 -19.39 1.16 7.89
CA GLU A 214 -18.26 0.77 8.74
C GLU A 214 -18.59 -0.48 9.59
N GLY B 1 -5.14 -1.75 20.72
CA GLY B 1 -4.28 -2.13 19.57
C GLY B 1 -5.01 -2.06 18.24
N PRO B 2 -4.26 -2.12 17.12
CA PRO B 2 -4.87 -2.09 15.78
C PRO B 2 -5.62 -3.38 15.47
N HIS B 3 -6.56 -3.31 14.52
CA HIS B 3 -7.24 -4.48 14.00
C HIS B 3 -6.26 -5.26 13.12
N MET B 4 -5.75 -6.36 13.67
CA MET B 4 -4.79 -7.20 12.96
C MET B 4 -5.47 -8.47 12.46
N THR B 5 -5.31 -8.73 11.17
CA THR B 5 -5.69 -10.00 10.58
C THR B 5 -4.39 -10.64 10.09
N ARG B 6 -4.47 -11.68 9.28
CA ARG B 6 -3.25 -12.30 8.73
C ARG B 6 -3.34 -12.39 7.22
N LEU B 7 -2.19 -12.37 6.56
CA LEU B 7 -2.15 -12.57 5.13
C LEU B 7 -2.48 -14.03 4.82
N GLY B 8 -3.25 -14.24 3.76
CA GLY B 8 -3.79 -15.58 3.51
C GLY B 8 -3.52 -16.07 2.11
N LEU B 9 -4.28 -17.08 1.70
CA LEU B 9 -4.14 -17.72 0.40
C LEU B 9 -4.00 -16.71 -0.76
N GLU B 10 -4.85 -15.69 -0.77
CA GLU B 10 -4.88 -14.69 -1.86
C GLU B 10 -3.54 -13.99 -2.06
N PHE B 11 -2.83 -13.71 -0.96
CA PHE B 11 -1.50 -13.12 -1.00
C PHE B 11 -0.47 -14.10 -1.54
N PHE B 12 -0.49 -15.34 -1.06
CA PHE B 12 0.54 -16.32 -1.43
C PHE B 12 0.36 -16.88 -2.83
N ASP B 13 -0.89 -16.93 -3.31
CA ASP B 13 -1.21 -17.49 -4.61
C ASP B 13 -0.84 -16.54 -5.76
N GLN B 14 0.45 -16.24 -5.85
CA GLN B 14 1.01 -15.51 -6.98
C GLN B 14 2.36 -16.13 -7.37
N PRO B 15 2.81 -15.90 -8.63
CA PRO B 15 4.11 -16.43 -9.09
C PRO B 15 5.27 -16.09 -8.16
N ALA B 16 6.34 -16.88 -8.23
CA ALA B 16 7.46 -16.77 -7.28
C ALA B 16 8.08 -15.39 -7.24
N VAL B 17 8.21 -14.74 -8.41
CA VAL B 17 8.80 -13.40 -8.47
C VAL B 17 7.92 -12.32 -7.82
N PRO B 18 6.63 -12.19 -8.24
CA PRO B 18 5.73 -11.26 -7.56
C PRO B 18 5.67 -11.48 -6.05
N LEU B 19 5.58 -12.74 -5.63
CA LEU B 19 5.52 -13.07 -4.20
C LEU B 19 6.81 -12.74 -3.45
N ALA B 20 7.96 -13.13 -4.01
CA ALA B 20 9.25 -12.83 -3.38
C ALA B 20 9.40 -11.35 -3.10
N ARG B 21 9.01 -10.53 -4.07
CA ARG B 21 9.04 -9.08 -3.93
C ARG B 21 7.99 -8.61 -2.92
N ALA B 22 6.81 -9.24 -2.96
CA ALA B 22 5.67 -8.86 -2.14
C ALA B 22 5.87 -9.15 -0.65
N PHE B 23 6.73 -10.12 -0.35
CA PHE B 23 7.11 -10.47 1.02
C PHE B 23 7.85 -9.36 1.78
N LEU B 24 8.60 -8.53 1.05
CA LEU B 24 9.43 -7.49 1.65
C LEU B 24 8.58 -6.47 2.41
N GLY B 25 8.93 -6.22 3.67
CA GLY B 25 8.19 -5.30 4.50
C GLY B 25 7.07 -5.94 5.31
N GLN B 26 6.69 -7.17 4.94
CA GLN B 26 5.72 -7.91 5.75
C GLN B 26 6.39 -8.43 7.02
N VAL B 27 5.59 -8.57 8.06
CA VAL B 27 6.08 -9.02 9.36
C VAL B 27 5.69 -10.48 9.55
N LEU B 28 6.71 -11.31 9.76
CA LEU B 28 6.53 -12.70 10.10
C LEU B 28 6.43 -12.81 11.61
N VAL B 29 5.45 -13.57 12.08
CA VAL B 29 5.21 -13.72 13.50
C VAL B 29 5.28 -15.19 13.87
N ARG B 30 5.96 -15.45 15.00
CA ARG B 30 6.04 -16.79 15.55
C ARG B 30 5.65 -16.75 17.03
N ARG B 31 4.64 -17.54 17.40
CA ARG B 31 4.23 -17.67 18.79
C ARG B 31 4.79 -18.96 19.39
N LEU B 32 5.61 -18.81 20.42
CA LEU B 32 6.23 -19.95 21.09
C LEU B 32 5.23 -20.66 22.01
N PRO B 33 5.53 -21.92 22.39
CA PRO B 33 4.68 -22.70 23.28
C PRO B 33 4.44 -22.03 24.64
N ASN B 34 5.32 -21.11 25.01
CA ASN B 34 5.21 -20.39 26.28
C ASN B 34 4.43 -19.08 26.16
N GLY B 35 3.92 -18.82 24.97
CA GLY B 35 3.13 -17.62 24.70
C GLY B 35 3.89 -16.44 24.15
N THR B 36 5.22 -16.50 24.20
CA THR B 36 6.06 -15.41 23.70
C THR B 36 5.88 -15.26 22.20
N GLU B 37 5.62 -14.03 21.77
CA GLU B 37 5.50 -13.72 20.35
C GLU B 37 6.78 -13.06 19.86
N LEU B 38 7.30 -13.59 18.75
CA LEU B 38 8.49 -13.07 18.12
C LEU B 38 8.07 -12.46 16.79
N ARG B 39 8.64 -11.31 16.45
CA ARG B 39 8.28 -10.62 15.21
C ARG B 39 9.51 -10.15 14.47
N GLY B 40 9.47 -10.30 13.15
CA GLY B 40 10.57 -9.88 12.29
C GLY B 40 10.04 -9.47 10.93
N ARG B 41 10.52 -8.32 10.46
CA ARG B 41 10.08 -7.77 9.18
C ARG B 41 10.98 -8.34 8.07
N ILE B 42 10.36 -8.95 7.06
CA ILE B 42 11.11 -9.57 5.97
C ILE B 42 11.79 -8.51 5.12
N VAL B 43 13.11 -8.60 5.00
CA VAL B 43 13.91 -7.62 4.28
C VAL B 43 14.68 -8.20 3.09
N GLU B 44 14.69 -9.53 2.96
CA GLU B 44 15.42 -10.20 1.89
C GLU B 44 14.81 -11.56 1.56
N THR B 45 14.57 -11.81 0.26
CA THR B 45 13.98 -13.06 -0.22
C THR B 45 14.63 -13.56 -1.50
N GLU B 46 14.35 -14.81 -1.86
CA GLU B 46 14.77 -15.36 -3.16
C GLU B 46 13.67 -16.18 -3.80
N ALA B 47 13.47 -15.99 -5.10
CA ALA B 47 12.51 -16.76 -5.85
C ALA B 47 13.15 -17.99 -6.49
N TYR B 48 12.48 -19.13 -6.34
CA TYR B 48 12.89 -20.38 -6.99
C TYR B 48 11.75 -20.84 -7.87
N LEU B 49 12.03 -21.01 -9.16
CA LEU B 49 10.99 -21.10 -10.18
C LEU B 49 10.53 -22.52 -10.53
N GLY B 50 11.11 -23.51 -9.86
CA GLY B 50 10.74 -24.91 -10.06
C GLY B 50 11.14 -25.46 -11.42
N PRO B 51 10.98 -26.80 -11.60
CA PRO B 51 11.23 -27.44 -12.88
C PRO B 51 10.11 -27.14 -13.88
N GLN B 63 10.33 -34.23 -8.18
CA GLN B 63 9.63 -34.26 -6.90
C GLN B 63 10.22 -35.24 -5.97
N THR B 64 10.70 -34.66 -4.92
CA THR B 64 11.54 -35.29 -3.98
C THR B 64 10.80 -35.46 -2.67
N PRO B 65 11.19 -36.46 -1.90
CA PRO B 65 10.55 -36.71 -0.62
C PRO B 65 10.81 -35.57 0.37
N ARG B 66 11.76 -34.69 0.05
CA ARG B 66 12.11 -33.59 0.94
C ARG B 66 11.56 -32.25 0.44
N ASN B 67 11.23 -32.17 -0.85
CA ASN B 67 10.77 -30.89 -1.42
C ASN B 67 9.25 -30.89 -1.67
N ARG B 68 8.55 -31.90 -1.15
CA ARG B 68 7.10 -32.00 -1.36
C ARG B 68 6.40 -30.68 -1.00
N GLY B 69 6.94 -29.97 -0.01
CA GLY B 69 6.32 -28.76 0.48
C GLY B 69 6.16 -27.71 -0.63
N MET B 70 7.15 -27.64 -1.53
CA MET B 70 7.10 -26.64 -2.60
C MET B 70 6.16 -27.08 -3.73
N PHE B 71 5.66 -28.32 -3.63
CA PHE B 71 4.73 -28.86 -4.63
C PHE B 71 3.30 -28.89 -4.07
N MET B 72 3.11 -28.30 -2.91
CA MET B 72 1.81 -28.20 -2.25
C MET B 72 1.21 -26.80 -2.45
N LYS B 73 -0.07 -26.64 -2.12
CA LYS B 73 -0.78 -25.36 -2.28
C LYS B 73 0.06 -24.15 -1.83
N PRO B 74 -0.06 -23.01 -2.55
CA PRO B 74 0.67 -21.78 -2.18
C PRO B 74 0.45 -21.40 -0.72
N GLY B 75 1.52 -21.02 -0.03
CA GLY B 75 1.46 -20.73 1.40
C GLY B 75 1.99 -21.87 2.24
N THR B 76 2.19 -23.03 1.62
CA THR B 76 2.76 -24.17 2.33
C THR B 76 4.24 -23.92 2.65
N LEU B 77 4.62 -24.20 3.89
CA LEU B 77 6.01 -24.08 4.29
C LEU B 77 6.82 -25.28 3.80
N TYR B 78 8.01 -25.01 3.30
CA TYR B 78 8.95 -26.04 2.95
C TYR B 78 10.20 -25.77 3.77
N VAL B 79 10.37 -26.56 4.84
CA VAL B 79 11.47 -26.39 5.78
C VAL B 79 12.40 -27.59 5.69
N TYR B 80 13.67 -27.34 5.37
CA TYR B 80 14.64 -28.43 5.20
C TYR B 80 15.97 -28.19 5.93
N ILE B 81 16.59 -29.29 6.37
CA ILE B 81 17.89 -29.27 7.04
C ILE B 81 19.02 -29.21 6.02
N ILE B 82 20.01 -28.35 6.28
CA ILE B 82 21.18 -28.24 5.42
C ILE B 82 22.45 -28.29 6.27
N TYR B 83 23.48 -28.95 5.72
CA TYR B 83 24.72 -29.24 6.45
C TYR B 83 24.44 -29.98 7.78
N GLY B 84 23.35 -30.74 7.79
CA GLY B 84 22.95 -31.54 8.96
C GLY B 84 22.63 -30.76 10.23
N MET B 85 22.78 -29.44 10.18
CA MET B 85 22.66 -28.60 11.37
C MET B 85 21.58 -27.54 11.25
N TYR B 86 21.56 -26.83 10.13
CA TYR B 86 20.76 -25.62 9.99
C TYR B 86 19.39 -25.87 9.34
N PHE B 87 18.59 -24.82 9.22
CA PHE B 87 17.29 -24.88 8.57
C PHE B 87 17.11 -23.74 7.57
N CYS B 88 16.38 -24.01 6.50
CA CYS B 88 15.92 -22.98 5.58
C CYS B 88 14.40 -23.00 5.50
N MET B 89 13.80 -21.81 5.57
CA MET B 89 12.34 -21.66 5.48
C MET B 89 11.92 -21.14 4.10
N ASN B 90 11.15 -21.95 3.38
CA ASN B 90 10.64 -21.60 2.07
C ASN B 90 9.12 -21.62 2.06
N ILE B 91 8.49 -20.79 1.23
CA ILE B 91 7.03 -20.74 1.12
C ILE B 91 6.57 -21.03 -0.31
N SER B 92 5.78 -22.09 -0.47
CA SER B 92 5.22 -22.44 -1.77
C SER B 92 4.44 -21.27 -2.36
N SER B 93 4.70 -20.97 -3.63
CA SER B 93 3.96 -19.93 -4.32
C SER B 93 3.12 -20.56 -5.43
N GLN B 94 2.49 -19.75 -6.26
CA GLN B 94 1.85 -20.23 -7.48
C GLN B 94 2.94 -20.65 -8.47
N GLY B 95 2.70 -21.76 -9.17
CA GLY B 95 3.66 -22.30 -10.12
C GLY B 95 4.10 -23.71 -9.76
N ASP B 96 4.38 -24.52 -10.77
CA ASP B 96 4.78 -25.91 -10.53
C ASP B 96 6.14 -25.99 -9.82
N GLY B 97 6.09 -26.30 -8.52
CA GLY B 97 7.28 -26.46 -7.71
C GLY B 97 7.97 -25.17 -7.30
N ALA B 98 7.33 -24.02 -7.54
CA ALA B 98 7.93 -22.71 -7.28
C ALA B 98 7.73 -22.29 -5.83
N CYS B 99 8.72 -21.57 -5.29
CA CYS B 99 8.68 -21.17 -3.89
C CYS B 99 9.60 -19.99 -3.65
N VAL B 100 9.44 -19.37 -2.48
CA VAL B 100 10.29 -18.24 -2.08
C VAL B 100 11.02 -18.60 -0.78
N LEU B 101 12.34 -18.43 -0.77
CA LEU B 101 13.15 -18.55 0.45
C LEU B 101 13.16 -17.23 1.23
N LEU B 102 12.99 -17.32 2.54
CA LEU B 102 13.24 -16.16 3.38
C LEU B 102 14.71 -16.13 3.75
N ARG B 103 15.37 -15.03 3.42
CA ARG B 103 16.81 -14.92 3.68
C ARG B 103 17.17 -14.04 4.87
N ALA B 104 16.36 -13.03 5.17
CA ALA B 104 16.68 -12.12 6.28
C ALA B 104 15.50 -11.33 6.80
N LEU B 105 15.48 -11.14 8.12
CA LEU B 105 14.47 -10.35 8.81
C LEU B 105 15.11 -9.23 9.62
N GLU B 106 14.39 -8.11 9.75
CA GLU B 106 14.68 -7.10 10.77
C GLU B 106 13.95 -7.50 12.04
N PRO B 107 14.69 -7.84 13.11
CA PRO B 107 14.05 -8.29 14.35
C PRO B 107 13.30 -7.14 15.01
N LEU B 108 12.02 -7.39 15.32
CA LEU B 108 11.14 -6.32 15.80
C LEU B 108 10.73 -6.48 17.25
N GLU B 109 10.44 -7.69 17.67
CA GLU B 109 10.18 -7.94 19.07
C GLU B 109 10.56 -9.37 19.48
N GLY B 110 10.91 -9.53 20.75
CA GLY B 110 11.34 -10.81 21.31
C GLY B 110 12.81 -11.10 21.08
N LEU B 111 13.57 -10.06 20.77
CA LEU B 111 15.00 -10.16 20.45
C LEU B 111 15.79 -10.93 21.50
N GLU B 112 15.41 -10.77 22.76
CA GLU B 112 16.08 -11.46 23.86
C GLU B 112 15.87 -12.97 23.76
N THR B 113 14.65 -13.38 23.40
CA THR B 113 14.38 -14.79 23.14
C THR B 113 15.16 -15.26 21.92
N MET B 114 15.13 -14.46 20.85
CA MET B 114 15.93 -14.73 19.65
C MET B 114 17.39 -14.98 20.00
N ARG B 115 17.91 -14.21 20.95
CA ARG B 115 19.30 -14.33 21.38
C ARG B 115 19.58 -15.63 22.12
N GLN B 116 18.71 -16.00 23.07
CA GLN B 116 18.92 -17.23 23.86
C GLN B 116 18.76 -18.48 22.99
N LEU B 117 17.91 -18.38 21.97
CA LEU B 117 17.70 -19.45 21.01
C LEU B 117 18.88 -19.57 20.05
N ARG B 118 19.54 -18.44 19.78
CA ARG B 118 20.70 -18.40 18.90
C ARG B 118 22.03 -18.69 19.61
N SER B 119 22.12 -18.27 20.86
CA SER B 119 23.34 -18.39 21.67
C SER B 119 24.07 -19.72 21.44
N ARG B 128 31.06 -16.03 22.29
CA ARG B 128 30.96 -14.68 21.74
C ARG B 128 29.77 -13.91 22.30
N VAL B 129 29.72 -12.62 21.98
CA VAL B 129 28.55 -11.79 22.20
C VAL B 129 28.01 -11.37 20.83
N LEU B 130 26.77 -11.73 20.56
CA LEU B 130 26.15 -11.43 19.26
C LEU B 130 25.12 -10.30 19.35
N LYS B 131 25.22 -9.37 18.42
CA LYS B 131 24.36 -8.18 18.42
C LYS B 131 23.05 -8.41 17.66
N ASP B 132 22.26 -7.34 17.57
CA ASP B 132 20.95 -7.37 16.92
C ASP B 132 21.04 -7.72 15.43
N ARG B 133 22.10 -7.23 14.79
CA ARG B 133 22.33 -7.48 13.36
C ARG B 133 22.69 -8.93 13.04
N GLU B 134 22.99 -9.72 14.07
CA GLU B 134 23.37 -11.12 13.90
C GLU B 134 22.22 -12.10 14.17
N LEU B 135 21.10 -11.58 14.67
CA LEU B 135 19.99 -12.42 15.09
C LEU B 135 19.31 -13.14 13.93
N CYS B 136 18.99 -12.40 12.88
CA CYS B 136 18.18 -12.92 11.76
C CYS B 136 18.77 -12.66 10.38
N SER B 137 20.05 -12.28 10.32
CA SER B 137 20.72 -11.88 9.09
C SER B 137 21.16 -13.06 8.22
N GLY B 138 20.23 -13.97 7.92
CA GLY B 138 20.56 -15.19 7.21
C GLY B 138 19.40 -16.17 7.27
N PRO B 139 19.27 -17.03 6.23
CA PRO B 139 18.11 -17.94 6.17
C PRO B 139 18.10 -18.92 7.33
N SER B 140 19.27 -19.38 7.75
CA SER B 140 19.37 -20.31 8.87
C SER B 140 19.42 -19.59 10.21
N LYS B 141 19.99 -18.38 10.22
CA LYS B 141 19.98 -17.54 11.40
C LYS B 141 18.53 -17.28 11.83
N LEU B 142 17.70 -16.87 10.86
CA LEU B 142 16.32 -16.51 11.16
C LEU B 142 15.47 -17.68 11.66
N CYS B 143 15.70 -18.87 11.12
CA CYS B 143 15.00 -20.07 11.59
C CYS B 143 15.37 -20.40 13.04
N GLN B 144 16.67 -20.35 13.35
CA GLN B 144 17.16 -20.50 14.71
C GLN B 144 16.51 -19.47 15.66
N ALA B 145 16.54 -18.21 15.23
CA ALA B 145 16.00 -17.08 15.98
C ALA B 145 14.49 -17.20 16.28
N LEU B 146 13.75 -17.77 15.34
CA LEU B 146 12.30 -17.93 15.49
C LEU B 146 11.88 -19.38 15.76
N ALA B 147 12.81 -20.19 16.27
CA ALA B 147 12.56 -21.59 16.61
C ALA B 147 11.78 -22.36 15.52
N ILE B 148 12.15 -22.10 14.27
CA ILE B 148 11.58 -22.79 13.12
C ILE B 148 12.46 -23.99 12.75
N ASN B 149 11.89 -25.19 12.88
CA ASN B 149 12.59 -26.41 12.52
C ASN B 149 11.75 -27.33 11.62
N LYS B 150 12.23 -28.57 11.44
CA LYS B 150 11.58 -29.56 10.58
C LYS B 150 10.10 -29.73 10.90
N SER B 151 9.75 -29.68 12.18
CA SER B 151 8.35 -29.83 12.62
C SER B 151 7.44 -28.74 12.04
N PHE B 152 8.04 -27.76 11.35
CA PHE B 152 7.28 -26.74 10.64
C PHE B 152 7.07 -27.07 9.17
N ASP B 153 7.88 -27.97 8.63
CA ASP B 153 7.76 -28.38 7.21
C ASP B 153 6.33 -28.83 6.86
N GLN B 154 5.84 -28.33 5.73
CA GLN B 154 4.50 -28.65 5.20
C GLN B 154 3.31 -28.08 5.98
N ARG B 155 3.59 -27.26 7.00
CA ARG B 155 2.55 -26.47 7.66
C ARG B 155 2.07 -25.37 6.73
N ASP B 156 0.87 -24.86 7.00
CA ASP B 156 0.22 -23.86 6.17
C ASP B 156 0.33 -22.48 6.81
N LEU B 157 1.12 -21.60 6.20
CA LEU B 157 1.37 -20.25 6.71
C LEU B 157 0.11 -19.38 6.79
N ALA B 158 -0.91 -19.71 6.00
CA ALA B 158 -2.15 -18.93 5.98
C ALA B 158 -3.11 -19.30 7.10
N GLN B 159 -2.84 -20.41 7.79
CA GLN B 159 -3.77 -20.92 8.80
C GLN B 159 -3.13 -21.45 10.09
N ASP B 160 -1.80 -21.62 10.11
CA ASP B 160 -1.13 -22.19 11.27
C ASP B 160 -1.33 -21.33 12.53
N GLU B 161 -1.36 -21.98 13.68
CA GLU B 161 -1.52 -21.29 14.97
C GLU B 161 -0.20 -20.82 15.59
N ALA B 162 0.93 -21.36 15.12
CA ALA B 162 2.23 -21.01 15.70
C ALA B 162 3.02 -19.98 14.89
N VAL B 163 2.67 -19.83 13.62
CA VAL B 163 3.40 -18.94 12.72
C VAL B 163 2.46 -18.29 11.70
N TRP B 164 2.61 -16.99 11.51
CA TRP B 164 1.84 -16.26 10.48
C TRP B 164 2.51 -15.01 9.94
N LEU B 165 1.90 -14.46 8.88
CA LEU B 165 2.29 -13.18 8.32
C LEU B 165 1.17 -12.19 8.63
N GLU B 166 1.42 -11.30 9.59
CA GLU B 166 0.37 -10.41 10.09
C GLU B 166 -0.04 -9.35 9.07
N ARG B 167 -1.24 -8.82 9.22
CA ARG B 167 -1.70 -7.69 8.41
C ARG B 167 -2.36 -6.62 9.27
N GLY B 168 -1.75 -5.44 9.29
CA GLY B 168 -2.28 -4.29 10.05
C GLY B 168 -3.23 -3.45 9.22
N PRO B 169 -3.72 -2.33 9.78
CA PRO B 169 -4.52 -1.38 8.98
C PRO B 169 -3.66 -0.57 8.00
N LEU B 170 -2.34 -0.77 8.04
CA LEU B 170 -1.43 -0.11 7.13
C LEU B 170 -0.65 -1.10 6.26
N GLU B 171 -0.42 -0.72 5.02
CA GLU B 171 0.44 -1.47 4.12
C GLU B 171 1.90 -1.24 4.48
N PRO B 172 2.77 -2.25 4.25
CA PRO B 172 4.22 -2.12 4.34
C PRO B 172 4.76 -0.90 3.59
N SER B 173 5.95 -0.45 3.96
CA SER B 173 6.61 0.68 3.32
C SER B 173 7.04 0.35 1.89
N ALA B 176 12.12 0.94 -3.95
CA ALA B 176 13.16 0.70 -2.94
C ALA B 176 13.66 -0.76 -2.92
N VAL B 177 13.18 -1.56 -3.89
CA VAL B 177 13.56 -2.98 -3.97
C VAL B 177 14.73 -3.19 -4.94
N VAL B 178 15.74 -3.91 -4.48
CA VAL B 178 16.90 -4.28 -5.31
C VAL B 178 16.79 -5.73 -5.76
N ALA B 179 16.93 -5.95 -7.07
CA ALA B 179 16.93 -7.29 -7.63
C ALA B 179 18.36 -7.72 -7.96
N ALA B 180 18.87 -8.69 -7.22
CA ALA B 180 20.24 -9.16 -7.37
C ALA B 180 20.32 -10.66 -7.66
N ALA B 181 21.53 -11.11 -8.01
CA ALA B 181 21.85 -12.53 -8.11
C ALA B 181 21.66 -13.21 -6.75
N ARG B 182 21.29 -14.48 -6.77
CA ARG B 182 21.04 -15.22 -5.52
C ARG B 182 22.34 -15.60 -4.80
N VAL B 183 22.20 -16.05 -3.55
CA VAL B 183 23.34 -16.44 -2.73
C VAL B 183 23.49 -17.96 -2.69
N PRO B 195 18.69 -12.43 -11.81
CA PRO B 195 18.30 -11.47 -10.78
C PRO B 195 17.04 -11.94 -10.04
N LEU B 196 17.22 -12.90 -9.13
CA LEU B 196 16.09 -13.52 -8.43
C LEU B 196 16.16 -13.42 -6.91
N ARG B 197 17.07 -12.58 -6.42
CA ARG B 197 17.10 -12.23 -5.00
C ARG B 197 16.69 -10.77 -4.84
N PHE B 198 15.80 -10.52 -3.89
CA PHE B 198 15.25 -9.17 -3.71
C PHE B 198 15.41 -8.71 -2.26
N TYR B 199 15.99 -7.52 -2.08
CA TYR B 199 16.17 -6.98 -0.74
C TYR B 199 15.87 -5.48 -0.63
N VAL B 200 15.60 -5.04 0.60
CA VAL B 200 15.34 -3.62 0.87
C VAL B 200 16.65 -2.84 0.74
N ARG B 201 16.67 -1.90 -0.19
CA ARG B 201 17.84 -1.05 -0.45
C ARG B 201 18.40 -0.47 0.84
N GLY B 202 19.69 -0.70 1.08
CA GLY B 202 20.43 -0.09 2.19
C GLY B 202 20.00 -0.46 3.62
N SER B 203 19.26 -1.56 3.76
CA SER B 203 18.84 -2.03 5.08
C SER B 203 20.01 -2.68 5.82
N PRO B 204 20.20 -2.34 7.11
CA PRO B 204 21.28 -2.92 7.91
C PRO B 204 21.00 -4.37 8.31
N TRP B 205 19.87 -4.91 7.85
CA TRP B 205 19.42 -6.24 8.25
C TRP B 205 19.56 -7.28 7.14
N VAL B 206 19.90 -6.82 5.94
CA VAL B 206 20.13 -7.70 4.80
C VAL B 206 21.42 -8.51 5.03
N SER B 207 21.36 -9.81 4.76
CA SER B 207 22.49 -10.71 4.99
C SER B 207 23.72 -10.36 4.12
N VAL B 208 23.53 -10.38 2.81
CA VAL B 208 24.61 -10.08 1.86
C VAL B 208 24.19 -8.96 0.91
N VAL B 209 24.97 -7.88 0.92
CA VAL B 209 24.73 -6.73 0.05
C VAL B 209 25.55 -6.88 -1.24
N ASP B 210 24.93 -6.57 -2.38
CA ASP B 210 25.58 -6.68 -3.68
C ASP B 210 26.54 -5.51 -3.91
P EDC C 7 -22.49 18.15 -9.09
N1 EDC C 7 -19.32 15.18 -8.19
C2 EDC C 7 -18.07 15.13 -8.86
O2 EDC C 7 -17.02 15.37 -8.24
N3 EDC C 7 -18.03 14.83 -10.18
C4 EDC C 7 -19.15 14.57 -10.88
N4 EDC C 7 -18.83 14.31 -12.14
C5 EDC C 7 -20.40 14.62 -10.23
C6 EDC C 7 -20.45 14.92 -8.88
C7 EDC C 7 -17.48 14.39 -12.27
C8 EDC C 7 -16.99 14.73 -11.02
C1' EDC C 7 -19.36 15.50 -6.74
C2' EDC C 7 -19.04 16.94 -6.40
C3' EDC C 7 -20.12 17.34 -5.42
O3' EDC C 7 -19.63 17.11 -4.09
C4' EDC C 7 -21.28 16.40 -5.69
O4' EDC C 7 -20.67 15.22 -6.21
C5' EDC C 7 -22.30 16.96 -6.70
O5' EDC C 7 -21.66 17.58 -7.81
OP1 EDC C 7 -21.45 18.74 -10.02
OP2 EDC C 7 -23.42 17.07 -9.56
P EDC D 7 -26.08 20.28 -22.78
N1 EDC D 7 -28.54 25.31 -22.66
C2 EDC D 7 -28.71 26.65 -22.21
O2 EDC D 7 -29.76 26.99 -21.61
N3 EDC D 7 -27.75 27.57 -22.44
C4 EDC D 7 -26.62 27.24 -23.08
N4 EDC D 7 -25.84 28.32 -23.17
C5 EDC D 7 -26.42 25.94 -23.53
C6 EDC D 7 -27.42 24.98 -23.30
C7 EDC D 7 -26.48 29.35 -22.58
C8 EDC D 7 -27.68 28.87 -22.11
C1' EDC D 7 -29.59 24.31 -22.41
C2' EDC D 7 -30.13 23.73 -23.72
C3' EDC D 7 -30.01 22.22 -23.58
O3' EDC D 7 -31.24 21.57 -23.88
C4' EDC D 7 -29.61 21.96 -22.14
O4' EDC D 7 -29.09 23.21 -21.65
C5' EDC D 7 -28.57 20.85 -22.03
O5' EDC D 7 -27.40 21.21 -22.75
OP1 EDC D 7 -26.52 18.84 -22.78
OP2 EDC D 7 -25.18 20.78 -23.90
#